data_1W8N
#
_entry.id   1W8N
#
_cell.length_a   46.602
_cell.length_b   111.608
_cell.length_c   143.865
_cell.angle_alpha   90.00
_cell.angle_beta   90.00
_cell.angle_gamma   90.00
#
_symmetry.space_group_name_H-M   'P 21 21 21'
#
loop_
_entity.id
_entity.type
_entity.pdbx_description
1 polymer 'BACTERIAL SIALIDASE'
2 non-polymer beta-D-galactopyranose
3 non-polymer '2-DEOXY-2,3-DEHYDRO-N-ACETYL-NEURAMINIC ACID'
4 non-polymer 'SODIUM ION'
5 water water
#
_entity_poly.entity_id   1
_entity_poly.type   'polypeptide(L)'
_entity_poly.pdbx_seq_one_letter_code
;GEPLYTEQDLAVNGREGFPNYRIPALTVTPDGDLLASYDGRPTGIGAPGPNSILQRRSTDGGRTWGEQQVVSAGQTTAPI
KGFSDPSYLVDRETGTIFNFHVYSQRQGFAGSRPGTDPADPNVLHANVATSTDGGLTWSHRTITADITPDPGWRSRFAAS
GEGIQLRYGPHAGRLIQQYTIINAAGAFQAVSVYSDDHGRTWRAGEAVGVGMDENKTVELSDGRVLLNSRDSARSGYRKV
AVSTDGGHSYGPVTIDRDLPDPTNNASIIRAFPDAPAGSARAKVLLFSNAASQTSRSQGTIRMSCDDGQTWPVSKVFQPG
SMSYSTLTALPDGTYGLLYEPGTGIRYANFNLAWLGGICAPFTIPDVALEPGQQVTVPVAVTNQSGIAVPKPSLQLDASP
DWQVQGSVEPLMPGRQAKGQVTITVPAGTTPGRYRVGATLRTSAGNASTTFTVTVGLLDQARMSIADVDSEETAREDGRA
SNVIDGNPSTFWHTEWSRADAPGYPHRISLDLGGTHTISGLQYTRRQNSANEQVADYEIYTSLNGTTWDGPVASGRFTTS
LAPQRAVFPARDARYIRLVALSEQTGHKYAAVAELEVEGQR
;
_entity_poly.pdbx_strand_id   A
#
loop_
_chem_comp.id
_chem_comp.type
_chem_comp.name
_chem_comp.formula
DAN D-saccharide '2-DEOXY-2,3-DEHYDRO-N-ACETYL-NEURAMINIC ACID' 'C11 H17 N O8'
GAL D-saccharide, beta linking beta-D-galactopyranose 'C6 H12 O6'
NA non-polymer 'SODIUM ION' 'Na 1'
#
# COMPACT_ATOMS: atom_id res chain seq x y z
N GLY A 1 -5.83 12.72 26.12
CA GLY A 1 -6.58 14.00 26.30
C GLY A 1 -7.81 14.08 25.38
N GLU A 2 -8.27 15.28 25.05
CA GLU A 2 -9.42 15.48 24.14
C GLU A 2 -9.11 15.22 22.63
N PRO A 3 -9.84 14.30 21.97
CA PRO A 3 -9.66 14.08 20.52
C PRO A 3 -9.73 15.34 19.67
N LEU A 4 -8.86 15.43 18.68
CA LEU A 4 -8.89 16.53 17.72
C LEU A 4 -8.78 16.02 16.30
N TYR A 5 -9.72 16.41 15.46
CA TYR A 5 -9.62 16.21 14.05
C TYR A 5 -10.43 17.32 13.40
N THR A 6 -9.74 18.20 12.66
CA THR A 6 -10.39 19.22 11.86
C THR A 6 -9.81 19.25 10.47
N GLU A 7 -10.58 19.80 9.53
CA GLU A 7 -10.15 19.91 8.15
C GLU A 7 -10.62 21.23 7.60
N GLN A 8 -9.89 21.66 6.57
CA GLN A 8 -10.14 22.90 5.89
C GLN A 8 -9.44 22.82 4.55
N ASP A 9 -10.21 23.10 3.52
CA ASP A 9 -9.72 23.14 2.16
C ASP A 9 -8.75 24.31 2.04
N LEU A 10 -7.66 24.05 1.33
CA LEU A 10 -6.69 25.07 1.03
C LEU A 10 -6.71 25.41 -0.44
N ALA A 11 -7.15 24.48 -1.28
CA ALA A 11 -7.37 24.77 -2.67
C ALA A 11 -8.54 24.01 -3.20
N VAL A 12 -9.41 24.71 -3.92
CA VAL A 12 -10.53 24.08 -4.56
C VAL A 12 -10.38 24.29 -6.09
N ASN A 13 -10.45 23.16 -6.80
CA ASN A 13 -10.39 23.14 -8.24
C ASN A 13 -11.36 24.17 -8.86
N GLY A 14 -10.85 25.11 -9.64
CA GLY A 14 -11.72 26.11 -10.31
C GLY A 14 -11.55 27.48 -9.68
N ARG A 15 -10.95 27.52 -8.47
CA ARG A 15 -10.82 28.76 -7.68
C ARG A 15 -9.36 29.15 -7.49
N GLU A 16 -9.16 30.46 -7.43
CA GLU A 16 -7.87 31.12 -7.17
C GLU A 16 -6.79 30.92 -8.23
N GLY A 17 -7.19 30.72 -9.47
CA GLY A 17 -6.31 30.82 -10.63
C GLY A 17 -6.13 29.51 -11.43
N PHE A 18 -6.62 28.37 -10.94
CA PHE A 18 -6.36 27.12 -11.61
C PHE A 18 -7.60 26.27 -11.65
N PRO A 19 -7.86 25.62 -12.78
CA PRO A 19 -8.94 24.63 -12.84
C PRO A 19 -8.73 23.34 -12.03
N ASN A 20 -7.47 23.08 -11.65
CA ASN A 20 -7.16 21.84 -11.00
C ASN A 20 -5.90 22.02 -10.13
N TYR A 21 -5.95 21.46 -8.91
CA TYR A 21 -4.87 21.49 -7.96
C TYR A 21 -4.62 20.06 -7.55
N ARG A 22 -3.32 19.69 -7.51
CA ARG A 22 -2.96 18.38 -6.99
C ARG A 22 -1.57 18.37 -6.36
N ILE A 23 -1.29 17.30 -5.62
CA ILE A 23 0.06 16.88 -5.18
C ILE A 23 0.62 17.66 -3.94
N PRO A 24 0.24 17.22 -2.73
CA PRO A 24 0.54 17.95 -1.51
C PRO A 24 1.95 17.72 -0.95
N ALA A 25 2.47 18.82 -0.44
CA ALA A 25 3.73 18.86 0.28
C ALA A 25 3.47 19.73 1.48
N LEU A 26 3.95 19.30 2.66
CA LEU A 26 3.67 20.01 3.87
C LEU A 26 4.87 19.97 4.82
N THR A 27 5.14 21.09 5.47
CA THR A 27 6.21 21.16 6.45
C THR A 27 6.02 22.30 7.39
N VAL A 28 6.89 22.40 8.36
CA VAL A 28 6.80 23.44 9.38
C VAL A 28 8.13 24.20 9.27
N THR A 29 8.09 25.53 9.16
CA THR A 29 9.37 26.28 9.13
C THR A 29 10.03 26.27 10.54
N PRO A 30 11.33 26.57 10.61
CA PRO A 30 11.97 26.79 11.93
C PRO A 30 11.24 27.80 12.84
N ASP A 31 10.61 28.86 12.30
CA ASP A 31 9.85 29.80 13.13
C ASP A 31 8.43 29.34 13.43
N GLY A 32 8.03 28.14 12.94
CA GLY A 32 6.79 27.53 13.34
C GLY A 32 5.62 27.81 12.41
N ASP A 33 5.87 28.31 11.22
CA ASP A 33 4.77 28.50 10.27
C ASP A 33 4.53 27.16 9.54
N LEU A 34 3.28 26.87 9.18
CA LEU A 34 3.04 25.71 8.34
C LEU A 34 3.13 26.21 6.93
N LEU A 35 3.83 25.45 6.08
CA LEU A 35 3.80 25.64 4.63
C LEU A 35 3.14 24.45 3.94
N ALA A 36 2.19 24.76 3.03
CA ALA A 36 1.53 23.81 2.21
C ALA A 36 1.85 24.19 0.81
N SER A 37 2.31 23.21 0.03
CA SER A 37 2.66 23.40 -1.34
C SER A 37 1.98 22.35 -2.19
N TYR A 38 1.71 22.70 -3.44
CA TYR A 38 0.97 21.83 -4.33
C TYR A 38 1.01 22.42 -5.72
N ASP A 39 0.68 21.58 -6.72
CA ASP A 39 0.57 22.05 -8.08
C ASP A 39 -0.70 22.87 -8.35
N GLY A 40 -0.61 23.92 -9.15
CA GLY A 40 -1.68 24.43 -9.95
C GLY A 40 -1.48 23.90 -11.35
N ARG A 41 -2.54 23.31 -11.91
CA ARG A 41 -2.46 22.61 -13.18
C ARG A 41 -3.48 23.21 -14.14
N PRO A 42 -2.99 24.11 -15.00
CA PRO A 42 -3.86 24.87 -15.85
C PRO A 42 -4.52 23.98 -16.84
N THR A 43 -3.99 22.79 -17.08
CA THR A 43 -4.63 21.87 -18.03
C THR A 43 -5.07 20.55 -17.44
N GLY A 44 -5.05 20.49 -16.11
CA GLY A 44 -5.56 19.34 -15.39
C GLY A 44 -4.60 18.15 -15.43
N ILE A 45 -3.34 18.30 -15.85
CA ILE A 45 -2.43 17.16 -15.94
C ILE A 45 -1.10 17.34 -15.25
N GLY A 46 -0.44 16.21 -15.07
CA GLY A 46 0.88 16.17 -14.51
C GLY A 46 1.85 16.60 -15.60
N ALA A 47 3.13 16.50 -15.32
CA ALA A 47 4.11 16.92 -16.30
C ALA A 47 3.92 16.09 -17.57
N PRO A 48 4.07 16.65 -18.76
CA PRO A 48 4.59 18.00 -19.04
C PRO A 48 3.56 19.13 -19.11
N GLY A 49 2.46 19.03 -18.38
CA GLY A 49 1.60 20.19 -18.22
C GLY A 49 2.43 21.36 -17.71
N PRO A 50 2.06 22.57 -18.10
CA PRO A 50 2.76 23.82 -17.73
C PRO A 50 2.40 24.28 -16.29
N ASN A 51 2.68 23.38 -15.34
CA ASN A 51 2.21 23.51 -14.00
C ASN A 51 3.04 24.49 -13.21
N SER A 52 2.47 25.01 -12.11
CA SER A 52 3.20 25.83 -11.16
C SER A 52 3.22 25.20 -9.79
N ILE A 53 4.29 25.47 -9.07
CA ILE A 53 4.39 25.05 -7.71
C ILE A 53 3.88 26.23 -6.93
N LEU A 54 2.89 25.93 -6.08
CA LEU A 54 2.22 26.89 -5.25
C LEU A 54 2.50 26.64 -3.80
N GLN A 55 2.18 27.66 -3.00
CA GLN A 55 2.41 27.66 -1.54
C GLN A 55 1.43 28.57 -0.82
N ARG A 56 0.87 28.07 0.29
CA ARG A 56 0.17 28.87 1.30
C ARG A 56 0.83 28.63 2.65
N ARG A 57 0.82 29.67 3.49
CA ARG A 57 1.48 29.69 4.79
C ARG A 57 0.43 29.93 5.87
N SER A 58 0.51 29.21 6.99
CA SER A 58 -0.23 29.57 8.17
C SER A 58 0.75 29.99 9.26
N THR A 59 0.47 31.15 9.88
CA THR A 59 1.26 31.67 11.01
C THR A 59 0.51 31.46 12.32
N ASP A 60 -0.65 30.85 12.27
CA ASP A 60 -1.44 30.64 13.45
C ASP A 60 -1.68 29.19 13.69
N GLY A 61 -0.68 28.40 13.35
CA GLY A 61 -0.65 26.98 13.64
C GLY A 61 -1.55 26.08 12.80
N GLY A 62 -2.05 26.52 11.65
CA GLY A 62 -2.92 25.72 10.83
C GLY A 62 -4.36 26.17 10.80
N ARG A 63 -4.69 27.09 11.71
CA ARG A 63 -6.06 27.58 11.83
C ARG A 63 -6.44 28.40 10.58
N THR A 64 -5.54 29.27 10.14
CA THR A 64 -5.88 30.11 9.00
C THR A 64 -4.68 30.25 8.08
N TRP A 65 -4.99 30.51 6.83
CA TRP A 65 -3.97 30.43 5.78
C TRP A 65 -4.00 31.68 4.89
N GLY A 66 -2.80 32.10 4.48
CA GLY A 66 -2.54 33.28 3.72
C GLY A 66 -2.79 33.04 2.24
N GLU A 67 -2.47 34.02 1.43
CA GLU A 67 -2.65 33.90 0.03
C GLU A 67 -1.74 32.88 -0.57
N GLN A 68 -2.22 32.43 -1.71
CA GLN A 68 -1.61 31.39 -2.46
C GLN A 68 -0.52 32.05 -3.26
N GLN A 69 0.72 31.65 -3.06
CA GLN A 69 1.80 32.21 -3.75
C GLN A 69 2.42 31.18 -4.73
N VAL A 70 3.16 31.70 -5.70
CA VAL A 70 3.90 30.95 -6.66
C VAL A 70 5.36 30.79 -6.24
N VAL A 71 5.74 29.55 -6.01
CA VAL A 71 7.11 29.18 -5.76
C VAL A 71 7.87 29.07 -7.06
N SER A 72 7.33 28.29 -7.99
CA SER A 72 7.90 28.20 -9.33
C SER A 72 6.79 28.31 -10.36
N ALA A 73 6.92 29.30 -11.24
CA ALA A 73 5.84 29.62 -12.18
C ALA A 73 5.93 28.81 -13.49
N GLY A 74 4.89 28.05 -13.82
CA GLY A 74 4.76 27.44 -15.14
C GLY A 74 4.71 28.47 -16.26
N GLN A 75 5.02 28.08 -17.48
CA GLN A 75 4.87 28.95 -18.64
C GLN A 75 4.06 28.23 -19.74
N THR A 76 2.91 28.81 -20.10
CA THR A 76 2.05 28.31 -21.17
C THR A 76 2.36 28.94 -22.53
N THR A 77 3.30 29.89 -22.60
CA THR A 77 3.74 30.45 -23.88
C THR A 77 5.16 29.95 -24.07
N ALA A 78 5.64 30.06 -25.29
CA ALA A 78 6.89 29.46 -25.65
C ALA A 78 8.02 30.25 -24.98
N PRO A 79 9.00 29.61 -24.37
CA PRO A 79 9.14 28.16 -24.27
C PRO A 79 8.32 27.54 -23.15
N ILE A 80 7.60 26.46 -23.45
CA ILE A 80 6.78 25.78 -22.45
C ILE A 80 7.63 25.27 -21.25
N LYS A 81 7.16 25.59 -20.05
CA LYS A 81 7.79 25.09 -18.84
C LYS A 81 6.70 24.66 -17.87
N GLY A 82 7.02 23.63 -17.09
CA GLY A 82 6.17 23.15 -16.05
C GLY A 82 7.00 22.79 -14.83
N PHE A 83 6.42 23.04 -13.66
CA PHE A 83 7.00 22.68 -12.39
C PHE A 83 5.96 21.97 -11.57
N SER A 84 6.25 20.75 -11.12
CA SER A 84 5.24 19.84 -10.61
C SER A 84 5.77 18.89 -9.57
N ASP A 85 4.86 18.43 -8.69
CA ASP A 85 5.17 17.37 -7.70
C ASP A 85 6.18 17.85 -6.63
N PRO A 86 5.74 18.72 -5.74
CA PRO A 86 6.62 19.29 -4.72
C PRO A 86 6.90 18.40 -3.53
N SER A 87 8.10 18.56 -3.00
CA SER A 87 8.48 17.94 -1.74
C SER A 87 9.31 18.93 -0.96
N TYR A 88 8.84 19.20 0.26
CA TYR A 88 9.54 20.10 1.17
C TYR A 88 10.60 19.31 1.87
N LEU A 89 11.62 20.01 2.31
CA LEU A 89 12.65 19.44 3.14
C LEU A 89 13.25 20.60 3.94
N VAL A 90 13.09 20.55 5.24
CA VAL A 90 13.72 21.57 6.09
C VAL A 90 15.03 21.09 6.67
N ASP A 91 16.08 21.87 6.45
CA ASP A 91 17.32 21.71 7.20
C ASP A 91 17.18 22.45 8.54
N ARG A 92 16.94 21.72 9.63
CA ARG A 92 16.63 22.30 10.96
C ARG A 92 17.84 22.83 11.69
N GLU A 93 19.03 22.49 11.20
CA GLU A 93 20.31 23.00 11.70
C GLU A 93 20.68 24.39 11.13
N THR A 94 20.45 24.65 9.84
CA THR A 94 20.71 25.97 9.26
C THR A 94 19.45 26.82 9.05
N GLY A 95 18.26 26.22 9.16
CA GLY A 95 17.02 26.90 8.82
C GLY A 95 16.66 27.02 7.33
N THR A 96 17.47 26.48 6.41
CA THR A 96 17.14 26.57 5.00
C THR A 96 15.98 25.66 4.68
N ILE A 97 15.13 26.07 3.75
CA ILE A 97 14.04 25.27 3.26
C ILE A 97 14.19 24.96 1.79
N PHE A 98 13.93 23.70 1.44
CA PHE A 98 13.93 23.27 0.04
C PHE A 98 12.60 22.80 -0.41
N ASN A 99 12.35 22.97 -1.70
CA ASN A 99 11.12 22.47 -2.31
C ASN A 99 11.59 21.88 -3.63
N PHE A 100 11.59 20.55 -3.66
CA PHE A 100 12.00 19.78 -4.83
C PHE A 100 10.78 19.65 -5.71
N HIS A 101 10.98 19.67 -6.99
CA HIS A 101 9.91 19.40 -7.96
C HIS A 101 10.51 19.20 -9.32
N VAL A 102 9.74 18.68 -10.26
CA VAL A 102 10.22 18.49 -11.61
C VAL A 102 10.23 19.84 -12.32
N TYR A 103 11.03 19.90 -13.35
CA TYR A 103 11.02 20.97 -14.31
C TYR A 103 10.78 20.27 -15.65
N SER A 104 9.62 20.48 -16.24
CA SER A 104 9.33 19.79 -17.50
C SER A 104 9.42 20.83 -18.58
N GLN A 105 9.73 20.34 -19.77
CA GLN A 105 9.59 21.08 -21.00
C GLN A 105 8.67 20.28 -21.91
N ARG A 106 9.23 19.45 -22.77
CA ARG A 106 8.49 18.68 -23.76
C ARG A 106 8.05 17.32 -23.20
N GLN A 107 8.73 16.79 -22.17
CA GLN A 107 8.40 15.44 -21.66
C GLN A 107 8.03 15.36 -20.19
N GLY A 108 7.08 14.47 -19.87
CA GLY A 108 6.87 14.10 -18.50
C GLY A 108 7.76 12.93 -18.09
N PHE A 109 7.41 12.29 -16.98
CA PHE A 109 8.19 11.23 -16.38
C PHE A 109 8.38 10.06 -17.35
N ALA A 110 7.25 9.57 -17.90
CA ALA A 110 7.22 8.39 -18.77
C ALA A 110 7.96 8.62 -20.08
N GLY A 111 7.93 9.86 -20.59
CA GLY A 111 8.54 10.15 -21.88
C GLY A 111 9.95 10.72 -21.83
N SER A 112 10.47 10.99 -20.62
CA SER A 112 11.78 11.62 -20.49
C SER A 112 12.83 10.72 -21.15
N ARG A 113 13.76 11.36 -21.84
CA ARG A 113 14.83 10.67 -22.54
C ARG A 113 16.12 10.90 -21.79
N PRO A 114 17.14 10.09 -22.07
CA PRO A 114 18.44 10.24 -21.39
C PRO A 114 19.08 11.64 -21.58
N GLY A 115 19.95 12.07 -20.65
CA GLY A 115 20.66 13.34 -20.66
C GLY A 115 20.39 14.17 -19.40
N THR A 116 21.27 15.15 -19.12
CA THR A 116 21.17 16.03 -17.94
C THR A 116 21.31 17.49 -18.24
N ASP A 117 21.30 17.81 -19.53
CA ASP A 117 21.54 19.19 -19.95
C ASP A 117 20.24 19.97 -19.72
N PRO A 118 20.27 21.01 -18.87
CA PRO A 118 19.08 21.81 -18.61
C PRO A 118 18.44 22.35 -19.85
N ALA A 119 19.18 22.49 -20.92
CA ALA A 119 18.59 23.10 -22.13
C ALA A 119 17.90 22.05 -23.00
N ASP A 120 18.09 20.76 -22.71
CA ASP A 120 17.45 19.68 -23.46
C ASP A 120 15.97 19.56 -22.98
N PRO A 121 15.04 19.85 -23.90
CA PRO A 121 13.62 19.88 -23.59
C PRO A 121 12.98 18.49 -23.39
N ASN A 122 13.70 17.44 -23.74
CA ASN A 122 13.17 16.12 -23.69
C ASN A 122 13.59 15.37 -22.43
N VAL A 123 14.21 16.10 -21.51
CA VAL A 123 14.59 15.55 -20.25
C VAL A 123 13.61 16.05 -19.24
N LEU A 124 13.14 15.17 -18.34
CA LEU A 124 12.41 15.63 -17.16
C LEU A 124 13.45 15.95 -16.09
N HIS A 125 13.58 17.22 -15.82
CA HIS A 125 14.64 17.73 -14.94
C HIS A 125 14.20 17.68 -13.53
N ALA A 126 15.18 17.52 -12.64
CA ALA A 126 15.00 17.58 -11.20
C ALA A 126 15.45 18.98 -10.75
N ASN A 127 14.47 19.79 -10.31
CA ASN A 127 14.73 21.10 -9.78
C ASN A 127 14.59 21.09 -8.28
N VAL A 128 15.21 22.06 -7.65
CA VAL A 128 14.96 22.39 -6.27
C VAL A 128 14.93 23.89 -6.15
N ALA A 129 13.92 24.36 -5.44
CA ALA A 129 13.90 25.75 -4.99
C ALA A 129 14.38 25.82 -3.55
N THR A 130 15.12 26.86 -3.23
CA THR A 130 15.77 27.01 -1.94
C THR A 130 15.38 28.34 -1.32
N SER A 131 15.06 28.35 -0.04
CA SER A 131 14.66 29.56 0.68
C SER A 131 15.41 29.66 1.97
N THR A 132 16.04 30.82 2.20
CA THR A 132 16.72 31.11 3.47
C THR A 132 15.96 32.09 4.31
N ASP A 133 14.70 32.38 3.93
CA ASP A 133 13.90 33.34 4.65
C ASP A 133 12.55 32.75 5.01
N GLY A 134 12.48 31.44 5.29
CA GLY A 134 11.28 30.83 5.82
C GLY A 134 10.18 30.58 4.78
N GLY A 135 10.60 30.54 3.53
CA GLY A 135 9.70 30.28 2.43
C GLY A 135 9.03 31.47 1.82
N LEU A 136 9.45 32.67 2.21
CA LEU A 136 8.99 33.92 1.58
C LEU A 136 9.44 34.08 0.12
N THR A 137 10.74 33.84 -0.13
CA THR A 137 11.32 33.91 -1.46
C THR A 137 12.18 32.69 -1.74
N TRP A 138 12.36 32.45 -3.02
CA TRP A 138 13.00 31.23 -3.46
C TRP A 138 14.00 31.52 -4.58
N SER A 139 15.12 30.79 -4.59
CA SER A 139 16.00 30.70 -5.76
C SER A 139 15.76 29.31 -6.32
N HIS A 140 16.19 29.11 -7.55
CA HIS A 140 15.88 27.91 -8.31
C HIS A 140 17.16 27.32 -8.88
N ARG A 141 17.27 26.02 -8.83
CA ARG A 141 18.30 25.32 -9.55
C ARG A 141 17.85 23.95 -10.06
N THR A 142 18.62 23.48 -11.03
CA THR A 142 18.48 22.21 -11.63
C THR A 142 19.63 21.32 -11.22
N ILE A 143 19.33 20.17 -10.61
CA ILE A 143 20.34 19.30 -10.03
C ILE A 143 20.42 17.97 -10.73
N THR A 144 19.72 17.82 -11.86
CA THR A 144 19.72 16.59 -12.60
C THR A 144 21.10 16.00 -12.85
N ALA A 145 22.05 16.81 -13.33
CA ALA A 145 23.42 16.31 -13.55
C ALA A 145 24.12 15.87 -12.22
N ASP A 146 23.73 16.41 -11.09
CA ASP A 146 24.31 16.02 -9.81
C ASP A 146 23.74 14.68 -9.29
N ILE A 147 22.57 14.29 -9.79
CA ILE A 147 21.87 13.11 -9.27
C ILE A 147 21.59 12.07 -10.33
N THR A 148 22.39 12.11 -11.40
CA THR A 148 22.33 11.13 -12.44
C THR A 148 23.70 10.45 -12.71
N PRO A 149 24.18 9.60 -11.81
CA PRO A 149 25.50 8.99 -11.96
C PRO A 149 25.53 7.86 -13.04
N ASP A 150 24.37 7.35 -13.39
CA ASP A 150 24.24 6.31 -14.40
C ASP A 150 23.59 7.04 -15.57
N PRO A 151 24.25 7.14 -16.72
CA PRO A 151 23.61 7.80 -17.88
C PRO A 151 22.37 7.05 -18.40
N GLY A 152 22.14 5.84 -17.92
CA GLY A 152 20.96 5.07 -18.26
C GLY A 152 19.69 5.54 -17.57
N TRP A 153 19.82 6.36 -16.54
CA TRP A 153 18.65 6.85 -15.80
C TRP A 153 18.11 7.93 -16.66
N ARG A 154 17.03 7.60 -17.36
CA ARG A 154 16.51 8.47 -18.39
C ARG A 154 15.37 9.32 -17.87
N SER A 155 15.01 9.14 -16.61
CA SER A 155 13.92 9.95 -15.98
C SER A 155 13.99 9.88 -14.47
N ARG A 156 13.51 10.93 -13.80
CA ARG A 156 13.36 10.92 -12.36
C ARG A 156 12.33 11.89 -11.94
N PHE A 157 11.77 11.65 -10.74
CA PHE A 157 11.07 12.72 -10.03
C PHE A 157 11.15 12.52 -8.51
N ALA A 158 11.28 13.63 -7.80
CA ALA A 158 11.19 13.63 -6.35
C ALA A 158 9.77 13.17 -5.96
N ALA A 159 9.72 12.26 -5.02
CA ALA A 159 8.46 11.81 -4.49
C ALA A 159 7.89 12.94 -3.64
N SER A 160 6.71 13.41 -4.04
CA SER A 160 6.06 14.54 -3.41
C SER A 160 5.66 14.17 -2.01
N GLY A 161 5.81 15.20 -1.16
CA GLY A 161 5.52 15.15 0.24
C GLY A 161 6.56 15.96 1.02
N GLU A 162 7.33 15.23 1.81
CA GLU A 162 8.30 15.81 2.68
C GLU A 162 9.44 14.85 2.93
N GLY A 163 10.64 15.40 2.76
CA GLY A 163 11.87 14.69 2.95
C GLY A 163 12.32 14.90 4.38
N ILE A 164 13.49 14.36 4.69
CA ILE A 164 13.98 14.35 6.08
C ILE A 164 15.44 14.83 6.23
N GLN A 165 15.77 15.12 7.48
CA GLN A 165 17.12 15.36 7.93
C GLN A 165 17.44 14.34 9.07
N LEU A 166 18.48 13.56 8.86
CA LEU A 166 18.96 12.64 9.87
C LEU A 166 19.43 13.39 11.10
N ARG A 167 19.04 12.88 12.26
CA ARG A 167 19.43 13.39 13.58
C ARG A 167 20.50 12.50 14.21
N TYR A 168 20.67 11.30 13.69
CA TYR A 168 21.56 10.31 14.32
C TYR A 168 22.76 9.89 13.40
N GLY A 169 23.80 9.32 14.04
CA GLY A 169 24.80 8.50 13.38
C GLY A 169 25.89 9.32 12.72
N PRO A 170 26.79 8.62 11.99
CA PRO A 170 27.93 9.28 11.34
C PRO A 170 27.53 10.30 10.27
N HIS A 171 26.29 10.21 9.80
CA HIS A 171 25.79 11.12 8.76
C HIS A 171 24.68 12.03 9.31
N ALA A 172 24.57 12.16 10.65
CA ALA A 172 23.60 13.10 11.21
C ALA A 172 23.66 14.45 10.47
N GLY A 173 22.50 15.05 10.20
CA GLY A 173 22.45 16.32 9.47
C GLY A 173 22.23 16.20 7.97
N ARG A 174 22.37 14.99 7.49
CA ARG A 174 22.11 14.69 6.11
C ARG A 174 20.65 14.92 5.71
N LEU A 175 20.51 15.58 4.55
CA LEU A 175 19.19 15.87 3.99
C LEU A 175 18.92 14.80 2.98
N ILE A 176 17.75 14.17 3.08
CA ILE A 176 17.39 13.02 2.25
C ILE A 176 16.04 13.24 1.61
N GLN A 177 16.04 13.25 0.28
CA GLN A 177 14.82 13.35 -0.54
C GLN A 177 14.76 12.18 -1.46
N GLN A 178 13.64 11.48 -1.45
CA GLN A 178 13.49 10.29 -2.22
C GLN A 178 13.12 10.69 -3.63
N TYR A 179 13.59 9.87 -4.58
CA TYR A 179 13.26 9.95 -5.98
C TYR A 179 12.85 8.58 -6.46
N THR A 180 12.10 8.57 -7.55
CA THR A 180 11.97 7.47 -8.46
C THR A 180 12.71 7.79 -9.77
N ILE A 181 13.39 6.76 -10.29
CA ILE A 181 14.04 6.82 -11.59
C ILE A 181 13.52 5.71 -12.51
N ILE A 182 13.71 5.95 -13.82
CA ILE A 182 13.50 4.94 -14.83
C ILE A 182 14.86 4.58 -15.42
N ASN A 183 15.27 3.31 -15.33
CA ASN A 183 16.59 2.93 -15.83
C ASN A 183 16.48 2.46 -17.28
N ALA A 184 17.60 1.97 -17.80
CA ALA A 184 17.73 1.68 -19.23
C ALA A 184 16.89 0.49 -19.65
N ALA A 185 16.58 -0.44 -18.74
CA ALA A 185 15.58 -1.49 -19.03
C ALA A 185 14.13 -1.06 -18.84
N GLY A 186 13.87 0.20 -18.51
CA GLY A 186 12.48 0.65 -18.33
C GLY A 186 11.91 0.37 -16.93
N ALA A 187 12.74 -0.16 -16.05
CA ALA A 187 12.33 -0.41 -14.65
C ALA A 187 12.27 0.87 -13.85
N PHE A 188 11.31 0.93 -12.97
CA PHE A 188 11.16 2.04 -12.04
C PHE A 188 11.89 1.62 -10.77
N GLN A 189 12.85 2.43 -10.33
CA GLN A 189 13.61 2.13 -9.11
C GLN A 189 13.53 3.30 -8.20
N ALA A 190 13.72 3.04 -6.92
CA ALA A 190 13.83 4.10 -5.90
C ALA A 190 15.27 4.50 -5.65
N VAL A 191 15.51 5.74 -5.31
CA VAL A 191 16.84 6.15 -4.83
C VAL A 191 16.72 7.38 -3.95
N SER A 192 17.63 7.48 -3.00
CA SER A 192 17.77 8.58 -2.10
C SER A 192 18.71 9.56 -2.72
N VAL A 193 18.26 10.79 -2.75
CA VAL A 193 19.07 11.95 -3.11
C VAL A 193 19.33 12.66 -1.83
N TYR A 194 20.60 13.00 -1.58
CA TYR A 194 20.97 13.59 -0.31
C TYR A 194 22.12 14.57 -0.35
N SER A 195 22.27 15.33 0.75
CA SER A 195 23.28 16.34 0.88
C SER A 195 23.77 16.25 2.31
N ASP A 196 25.09 16.29 2.45
CA ASP A 196 25.74 16.38 3.72
C ASP A 196 26.33 17.75 3.95
N ASP A 197 26.05 18.74 3.08
CA ASP A 197 26.58 20.10 3.30
C ASP A 197 25.40 21.07 3.26
N HIS A 198 24.30 20.66 3.88
CA HIS A 198 23.19 21.51 4.11
C HIS A 198 22.60 22.10 2.86
N GLY A 199 22.66 21.31 1.80
CA GLY A 199 21.95 21.58 0.59
C GLY A 199 22.74 22.31 -0.49
N ARG A 200 24.01 22.56 -0.23
CA ARG A 200 24.92 23.15 -1.22
C ARG A 200 25.13 22.14 -2.33
N THR A 201 25.39 20.89 -1.98
CA THR A 201 25.62 19.84 -2.99
C THR A 201 24.70 18.65 -2.77
N TRP A 202 24.23 18.11 -3.89
CA TRP A 202 23.31 16.99 -3.84
C TRP A 202 23.88 15.89 -4.67
N ARG A 203 23.61 14.68 -4.23
CA ARG A 203 23.91 13.49 -5.00
C ARG A 203 22.88 12.36 -4.80
N ALA A 204 22.95 11.35 -5.65
CA ALA A 204 22.09 10.19 -5.55
C ALA A 204 22.93 9.11 -4.93
N GLY A 205 22.28 8.26 -4.14
CA GLY A 205 22.90 7.05 -3.66
C GLY A 205 22.63 5.95 -4.68
N GLU A 206 22.47 4.73 -4.20
CA GLU A 206 22.32 3.59 -5.05
C GLU A 206 20.85 3.24 -5.10
N ALA A 207 20.44 2.99 -6.31
CA ALA A 207 19.06 2.70 -6.68
C ALA A 207 18.66 1.36 -6.14
N VAL A 208 17.37 1.19 -5.83
CA VAL A 208 16.94 -0.06 -5.22
C VAL A 208 15.53 -0.49 -5.76
N GLY A 209 15.43 -1.76 -6.07
CA GLY A 209 14.16 -2.42 -6.36
C GLY A 209 13.84 -2.27 -7.84
N VAL A 210 12.83 -3.03 -8.22
CA VAL A 210 12.05 -2.79 -9.43
C VAL A 210 10.58 -2.77 -9.02
N GLY A 211 9.71 -2.29 -9.93
CA GLY A 211 8.34 -2.10 -9.56
C GLY A 211 8.18 -1.05 -8.46
N MET A 212 9.11 -0.11 -8.42
CA MET A 212 9.11 0.97 -7.39
C MET A 212 8.37 2.16 -7.97
N ASP A 213 8.31 3.20 -7.17
CA ASP A 213 7.62 4.42 -7.50
C ASP A 213 7.84 5.38 -6.33
N GLU A 214 6.98 6.37 -6.22
CA GLU A 214 7.05 7.39 -5.21
C GLU A 214 7.30 6.67 -3.91
N ASN A 215 8.34 7.09 -3.18
CA ASN A 215 8.68 6.38 -1.98
C ASN A 215 9.15 7.38 -0.94
N LYS A 216 9.11 6.96 0.32
CA LYS A 216 9.39 7.84 1.41
C LYS A 216 10.36 7.23 2.41
N THR A 217 11.21 8.04 3.04
CA THR A 217 12.12 7.58 4.08
C THR A 217 11.93 8.29 5.43
N VAL A 218 12.28 7.55 6.44
CA VAL A 218 12.10 7.97 7.82
C VAL A 218 13.24 7.32 8.61
N GLU A 219 13.79 8.08 9.53
CA GLU A 219 14.86 7.59 10.37
C GLU A 219 14.31 6.85 11.57
N LEU A 220 14.68 5.59 11.73
CA LEU A 220 14.21 4.77 12.81
C LEU A 220 15.03 5.02 14.09
N SER A 221 14.60 4.41 15.20
CA SER A 221 15.19 4.63 16.51
C SER A 221 16.70 4.34 16.61
N ASP A 222 17.25 3.53 15.69
CA ASP A 222 18.67 3.16 15.69
C ASP A 222 19.44 3.78 14.51
N GLY A 223 18.81 4.76 13.87
CA GLY A 223 19.44 5.39 12.74
C GLY A 223 19.36 4.68 11.42
N ARG A 224 18.69 3.53 11.37
CA ARG A 224 18.45 2.88 10.06
C ARG A 224 17.42 3.69 9.35
N VAL A 225 17.47 3.69 8.01
CA VAL A 225 16.58 4.52 7.21
C VAL A 225 15.61 3.56 6.52
N LEU A 226 14.36 3.64 6.95
CA LEU A 226 13.33 2.83 6.39
C LEU A 226 12.79 3.52 5.11
N LEU A 227 12.73 2.77 4.03
CA LEU A 227 12.10 3.21 2.79
C LEU A 227 10.75 2.52 2.59
N ASN A 228 9.70 3.31 2.29
CA ASN A 228 8.34 2.81 2.08
C ASN A 228 7.88 3.33 0.75
N SER A 229 7.53 2.43 -0.15
CA SER A 229 7.29 2.74 -1.54
C SER A 229 5.96 2.32 -2.07
N ARG A 230 5.41 3.16 -2.94
CA ARG A 230 4.33 2.77 -3.84
C ARG A 230 4.86 1.72 -4.78
N ASP A 231 3.99 0.78 -5.11
CA ASP A 231 4.35 -0.36 -5.90
C ASP A 231 3.77 -0.20 -7.28
N SER A 232 4.65 0.16 -8.24
CA SER A 232 4.21 0.34 -9.61
C SER A 232 3.83 -1.01 -10.30
N ALA A 233 4.08 -2.14 -9.69
CA ALA A 233 3.60 -3.43 -10.20
C ALA A 233 2.27 -3.81 -9.56
N ARG A 234 1.74 -2.97 -8.67
CA ARG A 234 0.33 -3.04 -8.24
C ARG A 234 -0.02 -4.33 -7.52
N SER A 235 0.79 -4.68 -6.54
CA SER A 235 0.49 -5.80 -5.66
C SER A 235 -0.79 -5.54 -4.82
N GLY A 236 -1.17 -4.28 -4.61
CA GLY A 236 -2.16 -3.90 -3.61
C GLY A 236 -1.55 -3.55 -2.23
N TYR A 237 -0.22 -3.44 -2.16
CA TYR A 237 0.48 -3.19 -0.88
C TYR A 237 1.65 -2.30 -1.09
N ARG A 238 2.18 -1.72 0.02
CA ARG A 238 3.42 -0.96 0.02
C ARG A 238 4.64 -1.89 -0.13
N LYS A 239 5.73 -1.41 -0.71
CA LYS A 239 6.98 -2.12 -0.73
C LYS A 239 7.92 -1.44 0.32
N VAL A 240 8.81 -2.19 0.96
CA VAL A 240 9.72 -1.63 2.01
C VAL A 240 11.13 -2.16 1.84
N ALA A 241 12.09 -1.42 2.42
CA ALA A 241 13.47 -1.75 2.38
C ALA A 241 14.08 -0.94 3.44
N VAL A 242 15.29 -1.28 3.81
CA VAL A 242 15.98 -0.56 4.84
C VAL A 242 17.45 -0.29 4.51
N SER A 243 17.96 0.84 4.97
CA SER A 243 19.38 1.27 4.79
C SER A 243 20.06 1.26 6.14
N THR A 244 21.30 0.78 6.19
CA THR A 244 22.09 0.97 7.38
C THR A 244 23.20 2.03 7.19
N ASP A 245 23.32 2.62 6.01
CA ASP A 245 24.40 3.61 5.75
C ASP A 245 23.79 5.01 5.43
N GLY A 246 22.71 5.33 6.12
CA GLY A 246 22.21 6.67 6.12
C GLY A 246 21.50 7.01 4.81
N GLY A 247 21.00 5.98 4.10
CA GLY A 247 20.18 6.14 2.89
C GLY A 247 21.00 6.06 1.60
N HIS A 248 22.31 5.84 1.71
CA HIS A 248 23.18 5.62 0.53
C HIS A 248 22.70 4.41 -0.24
N SER A 249 22.39 3.34 0.51
CA SER A 249 21.98 2.04 -0.07
C SER A 249 20.95 1.28 0.77
N TYR A 250 20.22 0.40 0.12
CA TYR A 250 19.09 -0.28 0.75
C TYR A 250 19.26 -1.78 0.50
N GLY A 251 18.68 -2.57 1.40
CA GLY A 251 18.68 -4.02 1.29
C GLY A 251 17.52 -4.42 0.40
N PRO A 252 17.15 -5.69 0.50
CA PRO A 252 16.07 -6.24 -0.30
C PRO A 252 14.76 -5.48 -0.09
N VAL A 253 14.00 -5.42 -1.16
CA VAL A 253 12.69 -4.80 -1.18
C VAL A 253 11.67 -5.90 -1.03
N THR A 254 10.75 -5.73 -0.11
CA THR A 254 9.67 -6.69 0.04
C THR A 254 8.34 -6.00 0.05
N ILE A 255 7.32 -6.80 -0.12
CA ILE A 255 5.96 -6.37 -0.02
C ILE A 255 5.52 -6.38 1.45
N ASP A 256 5.01 -5.27 1.93
CA ASP A 256 4.52 -5.21 3.29
C ASP A 256 3.02 -5.38 3.32
N ARG A 257 2.57 -6.58 3.66
CA ARG A 257 1.14 -6.90 3.65
C ARG A 257 0.33 -6.32 4.78
N ASP A 258 0.97 -5.65 5.73
CA ASP A 258 0.26 -4.90 6.76
C ASP A 258 -0.26 -3.55 6.19
N LEU A 259 0.21 -3.14 5.00
CA LEU A 259 -0.09 -1.84 4.44
C LEU A 259 -0.71 -1.95 3.09
N PRO A 260 -2.02 -2.24 3.02
CA PRO A 260 -2.68 -2.17 1.74
C PRO A 260 -2.63 -0.73 1.22
N ASP A 261 -2.62 -0.68 -0.10
CA ASP A 261 -2.40 0.53 -0.86
C ASP A 261 -2.89 0.27 -2.28
N PRO A 262 -3.59 1.19 -2.93
CA PRO A 262 -4.08 0.90 -4.31
C PRO A 262 -3.17 1.43 -5.47
N THR A 263 -1.88 1.65 -5.17
CA THR A 263 -0.82 2.20 -6.05
C THR A 263 -0.97 3.73 -6.11
N ASN A 264 -0.37 4.37 -5.09
CA ASN A 264 -0.72 5.74 -4.71
C ASN A 264 0.34 6.21 -3.69
N ASN A 265 0.46 7.51 -3.52
CA ASN A 265 1.48 8.05 -2.67
C ASN A 265 0.99 7.87 -1.26
N ALA A 266 1.87 8.18 -0.32
CA ALA A 266 1.66 7.88 1.07
C ALA A 266 2.72 8.56 1.79
N SER A 267 2.58 8.72 3.10
CA SER A 267 3.71 9.29 3.87
C SER A 267 3.91 8.49 5.13
N ILE A 268 5.15 8.53 5.60
CA ILE A 268 5.56 7.95 6.87
C ILE A 268 6.50 8.92 7.61
N ILE A 269 6.19 9.20 8.87
CA ILE A 269 7.01 10.06 9.69
C ILE A 269 7.20 9.55 11.09
N ARG A 270 8.29 9.99 11.71
CA ARG A 270 8.43 9.91 13.15
C ARG A 270 7.37 10.71 13.89
N ALA A 271 6.77 10.07 14.88
CA ALA A 271 5.78 10.73 15.72
C ALA A 271 6.45 11.70 16.68
N PHE A 272 7.68 11.37 17.07
CA PHE A 272 8.44 12.15 18.02
C PHE A 272 9.87 12.35 17.42
N PRO A 273 10.03 13.29 16.49
CA PRO A 273 11.26 13.41 15.72
C PRO A 273 12.46 13.92 16.53
N ASP A 274 12.22 14.53 17.72
CA ASP A 274 13.28 14.98 18.63
C ASP A 274 13.67 13.94 19.60
N ALA A 275 12.92 12.83 19.67
CA ALA A 275 13.23 11.79 20.65
C ALA A 275 14.64 11.29 20.50
N PRO A 276 15.30 11.00 21.63
CA PRO A 276 16.65 10.40 21.60
C PRO A 276 16.67 9.04 20.98
N ALA A 277 17.78 8.73 20.31
CA ALA A 277 18.04 7.43 19.74
C ALA A 277 17.85 6.30 20.75
N GLY A 278 17.35 5.16 20.29
CA GLY A 278 17.10 4.02 21.18
C GLY A 278 15.87 4.15 22.10
N SER A 279 15.16 5.28 22.08
CA SER A 279 14.09 5.54 23.04
C SER A 279 12.79 4.89 22.50
N ALA A 280 11.93 4.54 23.43
CA ALA A 280 10.60 4.07 23.10
C ALA A 280 9.90 5.06 22.15
N ARG A 281 9.96 6.34 22.45
CA ARG A 281 9.33 7.36 21.59
C ARG A 281 9.89 7.48 20.17
N ALA A 282 11.16 7.14 20.00
CA ALA A 282 11.86 7.27 18.73
C ALA A 282 11.47 6.13 17.78
N LYS A 283 10.79 5.13 18.30
CA LYS A 283 10.32 3.98 17.52
C LYS A 283 8.92 4.19 17.01
N VAL A 284 8.31 5.33 17.34
CA VAL A 284 6.92 5.54 16.99
C VAL A 284 6.87 6.18 15.64
N LEU A 285 6.20 5.48 14.72
CA LEU A 285 5.89 6.01 13.39
C LEU A 285 4.39 6.18 13.14
N LEU A 286 4.08 7.20 12.32
CA LEU A 286 2.76 7.37 11.74
C LEU A 286 2.83 7.23 10.23
N PHE A 287 1.78 6.64 9.68
CA PHE A 287 1.73 6.41 8.27
C PHE A 287 0.35 6.85 7.75
N SER A 288 0.35 7.51 6.60
CA SER A 288 -0.84 7.95 5.95
C SER A 288 -0.91 7.42 4.52
N ASN A 289 -2.01 6.76 4.19
CA ASN A 289 -2.32 6.37 2.81
C ASN A 289 -3.78 6.03 2.58
N ALA A 290 -4.10 5.74 1.34
CA ALA A 290 -5.36 5.13 0.97
C ALA A 290 -5.31 3.66 1.31
N ALA A 291 -6.14 3.23 2.26
CA ALA A 291 -6.13 1.82 2.64
C ALA A 291 -6.89 0.87 1.68
N SER A 292 -7.71 1.36 0.76
CA SER A 292 -8.40 0.43 -0.17
C SER A 292 -7.33 -0.10 -1.14
N GLN A 293 -7.49 -1.34 -1.62
CA GLN A 293 -6.55 -1.83 -2.65
C GLN A 293 -7.09 -1.54 -4.01
N THR A 294 -8.36 -1.18 -4.10
CA THR A 294 -8.99 -1.08 -5.40
C THR A 294 -9.29 0.37 -5.83
N SER A 295 -9.11 1.32 -4.91
CA SER A 295 -9.41 2.70 -5.20
C SER A 295 -8.70 3.64 -4.21
N ARG A 296 -8.50 4.85 -4.63
CA ARG A 296 -7.99 5.88 -3.78
C ARG A 296 -9.05 6.44 -2.88
N SER A 297 -9.28 5.73 -1.81
CA SER A 297 -10.30 6.04 -0.83
C SER A 297 -9.88 5.36 0.47
N GLN A 298 -10.62 5.61 1.53
CA GLN A 298 -10.34 5.03 2.82
C GLN A 298 -8.99 5.50 3.34
N GLY A 299 -8.80 6.81 3.31
CA GLY A 299 -7.69 7.46 3.93
C GLY A 299 -7.56 7.07 5.38
N THR A 300 -6.40 6.54 5.74
CA THR A 300 -6.15 5.90 7.05
C THR A 300 -4.83 6.38 7.60
N ILE A 301 -4.81 6.68 8.90
CA ILE A 301 -3.64 6.89 9.68
C ILE A 301 -3.31 5.62 10.46
N ARG A 302 -2.07 5.16 10.36
CA ARG A 302 -1.62 4.01 11.15
C ARG A 302 -0.45 4.45 12.04
N MET A 303 -0.27 3.76 13.15
CA MET A 303 0.81 3.98 14.09
C MET A 303 1.52 2.63 14.42
N SER A 304 2.86 2.72 14.38
CA SER A 304 3.78 1.63 14.79
C SER A 304 4.53 2.16 15.99
N CYS A 305 4.74 1.29 16.98
CA CYS A 305 5.58 1.69 18.12
C CYS A 305 6.90 0.91 18.16
N ASP A 306 7.19 0.19 17.05
CA ASP A 306 8.38 -0.62 16.95
C ASP A 306 9.14 -0.45 15.64
N ASP A 307 9.34 0.80 15.23
CA ASP A 307 10.18 1.10 14.08
C ASP A 307 9.53 0.49 12.81
N GLY A 308 8.22 0.43 12.77
CA GLY A 308 7.49 -0.06 11.59
C GLY A 308 7.35 -1.57 11.44
N GLN A 309 7.67 -2.34 12.47
CA GLN A 309 7.50 -3.81 12.38
C GLN A 309 6.04 -4.19 12.34
N THR A 310 5.27 -3.57 13.23
CA THR A 310 3.82 -3.79 13.30
C THR A 310 3.16 -2.41 13.36
N TRP A 311 1.89 -2.40 13.00
CA TRP A 311 1.01 -1.27 12.91
C TRP A 311 -0.30 -1.64 13.63
N PRO A 312 -0.26 -1.67 14.97
CA PRO A 312 -1.39 -2.08 15.81
C PRO A 312 -2.57 -1.16 15.78
N VAL A 313 -2.33 0.10 15.44
CA VAL A 313 -3.31 1.15 15.56
C VAL A 313 -3.56 1.74 14.18
N SER A 314 -4.84 1.85 13.89
CA SER A 314 -5.27 2.51 12.68
C SER A 314 -6.61 3.20 12.90
N LYS A 315 -6.77 4.29 12.16
CA LYS A 315 -8.03 5.02 12.11
C LYS A 315 -8.28 5.68 10.74
N VAL A 316 -9.51 5.56 10.25
CA VAL A 316 -9.92 6.25 9.04
C VAL A 316 -10.04 7.77 9.25
N PHE A 317 -9.35 8.57 8.44
CA PHE A 317 -9.61 10.00 8.44
C PHE A 317 -10.52 10.49 7.29
N GLN A 318 -10.56 9.75 6.19
CA GLN A 318 -11.36 10.08 5.02
C GLN A 318 -11.98 8.80 4.42
N PRO A 319 -13.24 8.49 4.71
CA PRO A 319 -13.82 7.27 4.15
C PRO A 319 -13.94 7.30 2.66
N GLY A 320 -14.16 8.47 2.08
CA GLY A 320 -14.43 8.55 0.65
C GLY A 320 -13.12 8.75 -0.10
N SER A 321 -13.17 9.52 -1.17
CA SER A 321 -12.03 9.67 -2.05
C SER A 321 -10.84 10.34 -1.33
N MET A 322 -9.66 9.74 -1.50
CA MET A 322 -8.42 10.17 -0.78
C MET A 322 -7.27 9.67 -1.59
N SER A 323 -6.58 10.57 -2.25
CA SER A 323 -5.45 10.18 -3.06
C SER A 323 -4.15 10.40 -2.29
N TYR A 324 -3.37 11.38 -2.69
CA TYR A 324 -2.09 11.64 -2.04
C TYR A 324 -2.27 12.25 -0.67
N SER A 325 -1.35 11.94 0.22
CA SER A 325 -1.42 12.51 1.54
C SER A 325 -0.02 12.58 2.09
N THR A 326 0.22 13.58 2.94
CA THR A 326 1.52 13.77 3.54
C THR A 326 1.40 14.34 4.94
N LEU A 327 2.12 13.73 5.88
CA LEU A 327 2.02 14.06 7.27
C LEU A 327 3.22 14.92 7.65
N THR A 328 3.02 15.78 8.64
CA THR A 328 4.12 16.48 9.31
C THR A 328 3.83 16.70 10.78
N ALA A 329 4.87 16.64 11.58
CA ALA A 329 4.73 16.79 13.00
C ALA A 329 4.76 18.30 13.31
N LEU A 330 3.74 18.78 14.01
CA LEU A 330 3.66 20.21 14.38
C LEU A 330 4.29 20.46 15.75
N PRO A 331 4.78 21.68 16.00
CA PRO A 331 5.41 22.05 17.29
C PRO A 331 4.48 21.90 18.52
N ASP A 332 3.17 22.08 18.36
CA ASP A 332 2.21 21.91 19.49
C ASP A 332 1.84 20.43 19.76
N GLY A 333 2.54 19.52 19.10
CA GLY A 333 2.39 18.10 19.35
C GLY A 333 1.29 17.39 18.60
N THR A 334 0.52 18.12 17.80
CA THR A 334 -0.45 17.51 16.90
C THR A 334 0.22 17.26 15.56
N TYR A 335 -0.57 16.81 14.58
CA TYR A 335 -0.05 16.48 13.26
C TYR A 335 -0.89 17.10 12.19
N GLY A 336 -0.18 17.60 11.19
CA GLY A 336 -0.75 18.18 9.98
C GLY A 336 -0.79 17.09 8.97
N LEU A 337 -1.83 17.13 8.15
CA LEU A 337 -2.10 16.13 7.16
C LEU A 337 -2.65 16.85 5.96
N LEU A 338 -1.88 16.87 4.89
CA LEU A 338 -2.28 17.58 3.69
C LEU A 338 -2.60 16.51 2.69
N TYR A 339 -3.85 16.49 2.19
CA TYR A 339 -4.29 15.47 1.26
C TYR A 339 -5.26 15.89 0.11
N GLU A 340 -5.55 14.93 -0.77
CA GLU A 340 -6.41 15.13 -1.93
C GLU A 340 -7.72 14.44 -1.72
N PRO A 341 -8.77 15.23 -1.49
CA PRO A 341 -10.12 14.67 -1.38
C PRO A 341 -10.83 14.58 -2.75
N GLY A 342 -10.14 14.94 -3.84
CA GLY A 342 -10.80 14.91 -5.15
C GLY A 342 -11.20 16.32 -5.66
N THR A 343 -11.38 17.26 -4.74
CA THR A 343 -11.75 18.65 -5.08
C THR A 343 -10.57 19.62 -5.02
N GLY A 344 -9.37 19.10 -4.82
CA GLY A 344 -8.16 19.89 -4.77
C GLY A 344 -7.21 19.42 -3.63
N ILE A 345 -6.95 20.31 -2.71
CA ILE A 345 -6.05 20.11 -1.59
C ILE A 345 -6.69 20.51 -0.26
N ARG A 346 -6.53 19.66 0.75
CA ARG A 346 -7.20 19.85 2.03
C ARG A 346 -6.25 19.54 3.15
N TYR A 347 -6.32 20.36 4.19
CA TYR A 347 -5.44 20.33 5.35
C TYR A 347 -6.22 19.87 6.54
N ALA A 348 -5.78 18.74 7.11
CA ALA A 348 -6.33 18.20 8.35
C ALA A 348 -5.30 18.26 9.47
N ASN A 349 -5.80 18.34 10.69
CA ASN A 349 -4.99 18.47 11.88
C ASN A 349 -5.55 17.49 12.83
N PHE A 350 -4.71 16.64 13.38
CA PHE A 350 -5.19 15.70 14.38
C PHE A 350 -4.19 15.42 15.46
N ASN A 351 -4.65 14.80 16.52
CA ASN A 351 -3.73 14.43 17.63
C ASN A 351 -3.77 12.94 17.93
N LEU A 352 -2.84 12.48 18.76
CA LEU A 352 -2.75 11.06 19.15
C LEU A 352 -4.00 10.58 19.88
N ALA A 353 -4.67 11.51 20.57
CA ALA A 353 -5.95 11.14 21.23
C ALA A 353 -7.04 10.79 20.22
N TRP A 354 -7.11 11.52 19.13
CA TRP A 354 -8.10 11.18 18.06
C TRP A 354 -7.81 9.76 17.54
N LEU A 355 -6.54 9.50 17.32
CA LEU A 355 -6.04 8.22 16.83
C LEU A 355 -6.48 7.06 17.76
N GLY A 356 -6.49 7.32 19.09
CA GLY A 356 -7.16 6.46 20.08
C GLY A 356 -6.51 5.10 20.25
N GLY A 357 -5.19 5.04 20.08
CA GLY A 357 -4.48 3.79 19.99
C GLY A 357 -3.68 3.42 21.21
N ILE A 358 -3.35 2.13 21.34
CA ILE A 358 -2.38 1.68 22.32
C ILE A 358 -1.33 0.85 21.53
N CYS A 359 -0.08 1.01 21.90
CA CYS A 359 1.04 0.27 21.33
C CYS A 359 1.04 -1.15 21.90
N ALA A 360 0.15 -1.98 21.37
CA ALA A 360 -0.04 -3.36 21.83
C ALA A 360 -0.46 -4.20 20.66
N PRO A 361 0.47 -4.42 19.72
CA PRO A 361 0.17 -5.27 18.56
C PRO A 361 -0.13 -6.65 19.10
N PHE A 362 -1.03 -7.37 18.42
CA PHE A 362 -1.38 -8.71 18.88
C PHE A 362 -1.77 -9.58 17.74
N THR A 363 -1.68 -10.89 17.97
CA THR A 363 -1.89 -11.83 16.87
C THR A 363 -2.95 -12.84 17.31
N ILE A 364 -3.74 -13.22 16.32
CA ILE A 364 -4.62 -14.38 16.38
C ILE A 364 -4.35 -15.17 15.09
N PRO A 365 -4.10 -16.48 15.22
CA PRO A 365 -3.77 -17.26 14.05
C PRO A 365 -5.05 -17.49 13.21
N ASP A 366 -4.86 -17.74 11.91
CA ASP A 366 -5.92 -18.30 11.08
C ASP A 366 -6.26 -19.71 11.58
N VAL A 367 -7.51 -20.09 11.39
CA VAL A 367 -8.00 -21.41 11.82
C VAL A 367 -9.05 -21.89 10.86
N ALA A 368 -9.17 -23.21 10.78
CA ALA A 368 -10.15 -23.88 9.91
C ALA A 368 -11.04 -24.80 10.75
N LEU A 369 -12.34 -24.79 10.49
CA LEU A 369 -13.26 -25.75 11.07
C LEU A 369 -14.39 -26.04 10.11
N GLU A 370 -15.25 -26.98 10.54
CA GLU A 370 -16.43 -27.32 9.80
C GLU A 370 -17.61 -26.48 10.34
N PRO A 371 -18.62 -26.26 9.48
CA PRO A 371 -19.97 -25.82 9.91
C PRO A 371 -20.47 -26.58 11.14
N GLY A 372 -20.98 -25.85 12.14
CA GLY A 372 -21.56 -26.54 13.29
C GLY A 372 -20.56 -26.77 14.37
N GLN A 373 -19.27 -26.54 14.10
CA GLN A 373 -18.25 -26.74 15.13
C GLN A 373 -17.86 -25.47 15.91
N GLN A 374 -17.11 -25.67 16.99
CA GLN A 374 -16.57 -24.64 17.89
C GLN A 374 -15.05 -24.80 17.96
N VAL A 375 -14.34 -23.69 18.06
CA VAL A 375 -12.87 -23.75 18.12
C VAL A 375 -12.39 -22.63 19.03
N THR A 376 -11.30 -22.85 19.73
CA THR A 376 -10.66 -21.76 20.46
C THR A 376 -9.28 -21.59 19.91
N VAL A 377 -8.88 -20.33 19.72
CA VAL A 377 -7.55 -19.97 19.26
C VAL A 377 -6.89 -19.00 20.27
N PRO A 378 -5.58 -19.13 20.44
CA PRO A 378 -4.87 -18.29 21.40
C PRO A 378 -4.60 -16.95 20.80
N VAL A 379 -4.59 -15.92 21.65
CA VAL A 379 -4.27 -14.54 21.30
C VAL A 379 -2.93 -14.23 22.01
N ALA A 380 -2.05 -13.51 21.33
CA ALA A 380 -0.79 -13.08 21.97
C ALA A 380 -0.61 -11.61 21.73
N VAL A 381 -0.53 -10.87 22.82
CA VAL A 381 -0.42 -9.44 22.83
C VAL A 381 1.00 -9.05 23.23
N THR A 382 1.67 -8.28 22.41
CA THR A 382 2.97 -7.77 22.77
C THR A 382 2.78 -6.36 23.32
N ASN A 383 2.83 -6.19 24.64
CA ASN A 383 2.61 -4.86 25.15
C ASN A 383 3.86 -3.98 25.01
N GLN A 384 3.76 -2.95 24.19
CA GLN A 384 4.84 -2.01 23.93
C GLN A 384 4.55 -0.64 24.57
N SER A 385 3.41 -0.50 25.26
CA SER A 385 2.95 0.79 25.77
C SER A 385 3.77 1.35 26.93
N GLY A 386 4.39 0.47 27.69
CA GLY A 386 5.08 0.83 28.89
C GLY A 386 4.10 1.01 30.03
N ILE A 387 2.84 0.58 29.87
CA ILE A 387 1.90 0.73 30.98
C ILE A 387 1.08 -0.52 31.23
N ALA A 388 0.55 -0.58 32.46
CA ALA A 388 -0.28 -1.70 32.90
C ALA A 388 -1.68 -1.42 32.51
N VAL A 389 -2.38 -2.45 32.01
CA VAL A 389 -3.83 -2.38 31.82
C VAL A 389 -4.48 -3.53 32.55
N PRO A 390 -5.12 -3.28 33.70
CA PRO A 390 -5.73 -4.37 34.48
C PRO A 390 -6.91 -5.07 33.81
N LYS A 391 -7.68 -4.34 32.99
CA LYS A 391 -9.00 -4.83 32.58
C LYS A 391 -9.20 -4.82 31.00
N PRO A 392 -8.28 -5.42 30.23
CA PRO A 392 -8.36 -5.34 28.76
C PRO A 392 -9.50 -6.16 28.28
N SER A 393 -10.12 -5.75 27.20
CA SER A 393 -11.06 -6.63 26.57
C SER A 393 -10.80 -6.77 25.09
N LEU A 394 -11.48 -7.76 24.54
CA LEU A 394 -11.22 -8.16 23.20
C LEU A 394 -12.55 -8.29 22.49
N GLN A 395 -12.75 -7.50 21.44
CA GLN A 395 -14.07 -7.44 20.76
C GLN A 395 -13.87 -7.93 19.32
N LEU A 396 -14.77 -8.80 18.87
CA LEU A 396 -14.59 -9.46 17.59
C LEU A 396 -15.70 -9.04 16.69
N ASP A 397 -15.37 -8.94 15.42
CA ASP A 397 -16.28 -8.44 14.43
C ASP A 397 -16.38 -9.58 13.39
N ALA A 398 -17.38 -10.41 13.58
CA ALA A 398 -17.59 -11.56 12.74
C ALA A 398 -19.04 -11.55 12.30
N SER A 399 -19.36 -12.42 11.33
CA SER A 399 -20.76 -12.70 10.95
C SER A 399 -21.61 -12.78 12.21
N PRO A 400 -22.73 -12.05 12.24
CA PRO A 400 -23.66 -12.08 13.39
C PRO A 400 -24.30 -13.45 13.72
N ASP A 401 -24.41 -14.36 12.75
CA ASP A 401 -24.94 -15.72 13.01
C ASP A 401 -23.98 -16.59 13.81
N TRP A 402 -22.72 -16.18 13.85
CA TRP A 402 -21.73 -16.86 14.65
C TRP A 402 -21.78 -16.29 16.05
N GLN A 403 -21.33 -17.09 17.00
CA GLN A 403 -21.13 -16.67 18.39
C GLN A 403 -19.64 -16.65 18.56
N VAL A 404 -19.13 -15.44 18.82
CA VAL A 404 -17.72 -15.18 18.94
C VAL A 404 -17.48 -14.28 20.21
N GLN A 405 -16.58 -14.78 21.04
CA GLN A 405 -16.26 -14.19 22.34
C GLN A 405 -14.75 -14.27 22.53
N GLY A 406 -14.19 -13.26 23.16
CA GLY A 406 -12.78 -13.31 23.44
C GLY A 406 -12.43 -12.68 24.78
N SER A 407 -11.22 -12.94 25.20
CA SER A 407 -10.70 -12.42 26.46
C SER A 407 -9.16 -12.30 26.36
N VAL A 408 -8.59 -11.51 27.30
CA VAL A 408 -7.18 -11.32 27.31
C VAL A 408 -6.68 -10.81 28.77
N GLU A 409 -5.57 -11.41 29.20
CA GLU A 409 -5.10 -11.29 30.52
C GLU A 409 -4.50 -9.82 30.65
N PRO A 410 -4.34 -9.39 31.89
CA PRO A 410 -3.86 -8.01 32.19
C PRO A 410 -2.39 -7.61 31.73
N LEU A 411 -2.38 -6.45 31.12
CA LEU A 411 -1.19 -6.00 30.38
C LEU A 411 -0.24 -5.49 31.41
N MET A 412 1.00 -5.92 31.25
CA MET A 412 2.01 -5.49 32.08
C MET A 412 3.02 -4.91 31.17
N PRO A 413 3.73 -3.93 31.69
CA PRO A 413 4.74 -3.24 30.91
C PRO A 413 5.72 -4.32 30.43
N GLY A 414 6.01 -4.33 29.12
CA GLY A 414 7.23 -4.95 28.61
C GLY A 414 7.03 -6.43 28.56
N ARG A 415 5.76 -6.85 28.62
CA ARG A 415 5.42 -8.27 28.71
C ARG A 415 4.53 -8.70 27.58
N GLN A 416 4.63 -9.97 27.20
CA GLN A 416 3.59 -10.58 26.43
C GLN A 416 2.40 -10.89 27.34
N ALA A 417 1.19 -10.78 26.81
CA ALA A 417 -0.03 -11.23 27.49
C ALA A 417 -0.75 -12.25 26.61
N LYS A 418 -1.36 -13.23 27.26
CA LYS A 418 -2.15 -14.24 26.56
C LYS A 418 -3.61 -13.85 26.61
N GLY A 419 -4.33 -14.22 25.55
CA GLY A 419 -5.78 -14.34 25.54
C GLY A 419 -6.28 -15.51 24.70
N GLN A 420 -7.59 -15.54 24.48
CA GLN A 420 -8.28 -16.56 23.73
C GLN A 420 -9.47 -15.96 23.00
N VAL A 421 -9.79 -16.57 21.87
CA VAL A 421 -11.03 -16.34 21.14
C VAL A 421 -11.71 -17.68 20.88
N THR A 422 -12.99 -17.74 21.21
CA THR A 422 -13.83 -18.88 20.92
C THR A 422 -14.79 -18.52 19.83
N ILE A 423 -14.80 -19.33 18.76
CA ILE A 423 -15.60 -19.07 17.58
C ILE A 423 -16.50 -20.28 17.39
N THR A 424 -17.81 -20.06 17.35
CA THR A 424 -18.78 -21.13 17.05
C THR A 424 -19.51 -20.78 15.76
N VAL A 425 -19.42 -21.68 14.82
CA VAL A 425 -19.95 -21.40 13.50
C VAL A 425 -21.20 -22.26 13.41
N PRO A 426 -22.41 -21.70 13.30
CA PRO A 426 -23.61 -22.56 13.15
C PRO A 426 -23.38 -23.44 11.94
N ALA A 427 -24.04 -24.63 11.94
CA ALA A 427 -24.09 -25.50 10.80
C ALA A 427 -24.83 -24.68 9.76
N GLY A 428 -24.56 -25.07 8.48
CA GLY A 428 -25.21 -24.46 7.32
C GLY A 428 -24.40 -23.24 6.90
N THR A 429 -23.40 -22.91 7.69
CA THR A 429 -22.56 -21.73 7.34
C THR A 429 -21.88 -21.90 5.98
N THR A 430 -22.00 -20.86 5.16
CA THR A 430 -21.65 -21.01 3.70
C THR A 430 -20.13 -21.25 3.70
N PRO A 431 -19.64 -22.29 3.01
CA PRO A 431 -18.21 -22.52 3.03
C PRO A 431 -17.50 -21.33 2.44
N GLY A 432 -16.37 -20.99 3.02
CA GLY A 432 -15.58 -19.84 2.56
C GLY A 432 -14.51 -19.44 3.57
N ARG A 433 -13.83 -18.36 3.25
CA ARG A 433 -12.76 -17.84 4.07
C ARG A 433 -13.29 -16.50 4.60
N TYR A 434 -13.46 -16.43 5.91
CA TYR A 434 -14.15 -15.34 6.60
C TYR A 434 -13.13 -14.52 7.43
N ARG A 435 -12.91 -13.26 7.04
CA ARG A 435 -12.19 -12.28 7.82
C ARG A 435 -12.95 -11.91 9.11
N VAL A 436 -12.27 -12.06 10.24
CA VAL A 436 -12.81 -11.66 11.51
C VAL A 436 -11.90 -10.55 12.01
N GLY A 437 -12.50 -9.41 12.38
CA GLY A 437 -11.74 -8.30 12.94
C GLY A 437 -11.68 -8.46 14.43
N ALA A 438 -10.54 -8.12 15.04
CA ALA A 438 -10.42 -8.05 16.47
C ALA A 438 -9.89 -6.71 16.93
N THR A 439 -10.50 -6.24 18.01
CA THR A 439 -10.09 -5.01 18.66
C THR A 439 -9.77 -5.30 20.12
N LEU A 440 -8.54 -5.03 20.48
CA LEU A 440 -8.16 -4.99 21.88
C LEU A 440 -8.57 -3.65 22.40
N ARG A 441 -9.44 -3.62 23.39
CA ARG A 441 -9.91 -2.38 23.93
C ARG A 441 -9.38 -2.20 25.33
N THR A 442 -8.86 -1.00 25.57
CA THR A 442 -8.43 -0.59 26.89
C THR A 442 -8.81 0.86 27.16
N SER A 443 -8.74 1.25 28.43
CA SER A 443 -8.93 2.64 28.84
C SER A 443 -7.81 3.54 28.29
N ALA A 444 -6.70 2.96 27.86
CA ALA A 444 -5.57 3.74 27.34
C ALA A 444 -5.44 3.67 25.83
N GLY A 445 -6.48 3.16 25.17
CA GLY A 445 -6.48 3.04 23.73
C GLY A 445 -6.70 1.62 23.26
N ASN A 446 -6.97 1.56 21.97
CA ASN A 446 -7.28 0.31 21.25
C ASN A 446 -6.23 -0.02 20.21
N ALA A 447 -6.15 -1.30 19.92
CA ALA A 447 -5.34 -1.86 18.84
C ALA A 447 -6.20 -2.86 18.12
N SER A 448 -5.81 -3.19 16.91
CA SER A 448 -6.53 -4.22 16.19
C SER A 448 -5.67 -5.15 15.37
N THR A 449 -6.26 -6.28 15.04
CA THR A 449 -5.72 -7.16 14.01
C THR A 449 -6.88 -7.88 13.30
N THR A 450 -6.55 -8.75 12.37
CA THR A 450 -7.57 -9.66 11.81
C THR A 450 -6.98 -11.07 11.73
N PHE A 451 -7.87 -12.00 11.47
CA PHE A 451 -7.47 -13.38 11.20
C PHE A 451 -8.59 -14.02 10.36
N THR A 452 -8.29 -15.10 9.66
CA THR A 452 -9.27 -15.72 8.77
C THR A 452 -9.68 -17.05 9.33
N VAL A 453 -11.00 -17.23 9.43
CA VAL A 453 -11.63 -18.49 9.78
C VAL A 453 -12.17 -19.13 8.51
N THR A 454 -11.61 -20.27 8.18
CA THR A 454 -11.98 -20.99 6.97
C THR A 454 -13.05 -21.99 7.39
N VAL A 455 -14.22 -21.89 6.78
CA VAL A 455 -15.33 -22.78 7.10
C VAL A 455 -15.59 -23.73 5.91
N GLY A 456 -15.57 -25.04 6.18
CA GLY A 456 -16.01 -26.02 5.19
C GLY A 456 -15.20 -26.10 3.91
N LEU A 457 -13.96 -25.66 3.95
CA LEU A 457 -13.12 -25.70 2.73
C LEU A 457 -11.91 -26.53 2.99
N LEU A 458 -11.55 -27.36 2.02
CA LEU A 458 -10.45 -28.23 2.16
C LEU A 458 -9.14 -27.46 2.12
N ASP A 459 -8.12 -28.07 2.65
CA ASP A 459 -6.74 -27.46 2.74
C ASP A 459 -5.95 -27.46 1.44
N GLN A 460 -5.90 -26.32 0.78
CA GLN A 460 -5.21 -26.21 -0.53
C GLN A 460 -3.77 -26.69 -0.48
N ALA A 461 -3.13 -26.57 0.68
CA ALA A 461 -1.73 -26.94 0.80
C ALA A 461 -1.52 -28.45 0.65
N ARG A 462 -2.59 -29.23 0.87
CA ARG A 462 -2.57 -30.69 0.76
C ARG A 462 -2.90 -31.13 -0.68
N MET A 463 -3.40 -30.19 -1.47
CA MET A 463 -3.81 -30.57 -2.81
C MET A 463 -2.63 -30.49 -3.75
N SER A 464 -2.84 -31.04 -4.92
CA SER A 464 -1.92 -30.88 -6.05
C SER A 464 -2.76 -31.01 -7.38
N ILE A 465 -2.16 -30.65 -8.51
CA ILE A 465 -2.76 -30.85 -9.82
C ILE A 465 -2.62 -32.32 -10.24
N ALA A 466 -3.74 -33.03 -10.39
CA ALA A 466 -3.71 -34.40 -10.90
C ALA A 466 -3.55 -34.43 -12.43
N ASP A 467 -4.26 -33.52 -13.09
CA ASP A 467 -4.07 -33.33 -14.53
C ASP A 467 -4.60 -31.96 -14.97
N VAL A 468 -4.29 -31.55 -16.20
CA VAL A 468 -4.82 -30.33 -16.84
C VAL A 468 -4.73 -30.54 -18.35
N ASP A 469 -5.64 -29.97 -19.10
CA ASP A 469 -5.57 -30.18 -20.53
C ASP A 469 -4.45 -29.37 -21.15
N SER A 470 -4.26 -28.16 -20.60
CA SER A 470 -3.46 -27.16 -21.29
C SER A 470 -3.11 -26.07 -20.33
N GLU A 471 -1.85 -25.62 -20.42
CA GLU A 471 -1.35 -24.54 -19.56
C GLU A 471 -0.25 -23.76 -20.25
N GLU A 472 -0.27 -22.44 -20.10
CA GLU A 472 0.81 -21.62 -20.60
C GLU A 472 1.85 -21.51 -19.51
N THR A 473 3.11 -21.80 -19.88
CA THR A 473 4.28 -21.66 -19.01
C THR A 473 5.41 -20.86 -19.63
N ALA A 474 5.28 -20.53 -20.92
CA ALA A 474 6.41 -20.04 -21.72
C ALA A 474 6.40 -18.50 -21.74
N ARG A 475 5.25 -17.92 -22.08
CA ARG A 475 5.17 -16.47 -22.18
C ARG A 475 4.50 -15.83 -20.95
N GLU A 476 3.99 -16.63 -20.02
CA GLU A 476 3.67 -16.15 -18.65
C GLU A 476 3.47 -17.33 -17.71
N ASP A 477 3.29 -17.06 -16.41
CA ASP A 477 3.09 -18.13 -15.42
C ASP A 477 1.60 -18.50 -15.26
N GLY A 478 1.08 -19.23 -16.27
CA GLY A 478 -0.26 -19.78 -16.22
C GLY A 478 -0.36 -21.21 -15.73
N ARG A 479 0.56 -21.64 -14.86
CA ARG A 479 0.59 -23.02 -14.37
C ARG A 479 -0.76 -23.39 -13.75
N ALA A 480 -1.26 -24.58 -14.07
CA ALA A 480 -2.48 -25.12 -13.45
C ALA A 480 -2.41 -25.01 -11.92
N SER A 481 -1.23 -25.22 -11.34
CA SER A 481 -1.02 -25.14 -9.88
C SER A 481 -1.29 -23.77 -9.30
N ASN A 482 -1.43 -22.73 -10.10
CA ASN A 482 -1.83 -21.44 -9.58
C ASN A 482 -3.24 -21.41 -9.00
N VAL A 483 -4.13 -22.34 -9.36
CA VAL A 483 -5.49 -22.35 -8.82
C VAL A 483 -5.54 -22.73 -7.33
N ILE A 484 -4.46 -23.28 -6.81
CA ILE A 484 -4.45 -23.77 -5.43
C ILE A 484 -3.36 -23.19 -4.55
N ASP A 485 -2.84 -22.03 -4.94
CA ASP A 485 -1.83 -21.38 -4.15
C ASP A 485 -2.42 -20.32 -3.18
N GLY A 486 -3.74 -20.08 -3.21
CA GLY A 486 -4.43 -19.15 -2.32
C GLY A 486 -4.30 -17.64 -2.60
N ASN A 487 -3.60 -17.34 -3.69
CA ASN A 487 -3.30 -15.97 -4.15
C ASN A 487 -4.29 -15.62 -5.25
N PRO A 488 -5.17 -14.63 -5.09
CA PRO A 488 -6.14 -14.35 -6.16
C PRO A 488 -5.49 -13.69 -7.43
N SER A 489 -4.28 -13.15 -7.27
CA SER A 489 -3.50 -12.53 -8.37
C SER A 489 -2.74 -13.48 -9.34
N THR A 490 -2.62 -14.77 -9.01
CA THR A 490 -2.05 -15.75 -9.94
C THR A 490 -3.21 -16.59 -10.48
N PHE A 491 -3.05 -17.06 -11.73
CA PHE A 491 -4.04 -17.87 -12.41
C PHE A 491 -3.43 -18.99 -13.26
N TRP A 492 -4.22 -20.03 -13.40
CA TRP A 492 -4.08 -20.99 -14.45
C TRP A 492 -4.53 -20.29 -15.73
N HIS A 493 -3.76 -20.42 -16.79
CA HIS A 493 -4.22 -19.98 -18.13
C HIS A 493 -3.94 -21.14 -19.05
N THR A 494 -4.86 -21.49 -19.94
CA THR A 494 -4.57 -22.51 -20.93
C THR A 494 -3.51 -21.96 -21.91
N GLU A 495 -2.83 -22.86 -22.60
CA GLU A 495 -1.74 -22.43 -23.47
C GLU A 495 -2.31 -21.54 -24.55
N TRP A 496 -1.62 -20.42 -24.85
CA TRP A 496 -2.00 -19.56 -25.99
C TRP A 496 -0.85 -19.13 -26.91
N SER A 497 0.41 -19.33 -26.49
CA SER A 497 1.55 -18.77 -27.25
C SER A 497 1.87 -19.62 -28.50
N ARG A 498 1.23 -20.78 -28.63
CA ARG A 498 1.28 -21.50 -29.91
C ARG A 498 -0.08 -21.40 -30.57
N ALA A 499 -0.04 -21.39 -31.88
CA ALA A 499 -1.24 -21.41 -32.68
C ALA A 499 -2.02 -22.73 -32.51
N ASP A 500 -1.29 -23.82 -32.23
CA ASP A 500 -1.95 -25.15 -32.18
C ASP A 500 -2.49 -25.51 -30.80
N ALA A 501 -2.49 -24.54 -29.91
CA ALA A 501 -3.14 -24.70 -28.63
C ALA A 501 -4.60 -25.04 -28.90
N PRO A 502 -5.21 -25.76 -27.97
CA PRO A 502 -6.62 -26.13 -28.06
C PRO A 502 -7.57 -25.05 -27.54
N GLY A 503 -8.73 -25.01 -28.18
CA GLY A 503 -9.86 -24.37 -27.60
C GLY A 503 -10.48 -25.24 -26.53
N TYR A 504 -11.71 -24.88 -26.21
CA TYR A 504 -12.53 -25.57 -25.25
C TYR A 504 -13.07 -26.83 -25.91
N PRO A 505 -13.44 -27.84 -25.10
CA PRO A 505 -13.32 -27.81 -23.63
C PRO A 505 -11.93 -27.82 -23.01
N HIS A 506 -11.81 -27.18 -21.88
CA HIS A 506 -10.60 -27.31 -21.08
C HIS A 506 -10.90 -28.05 -19.77
N ARG A 507 -9.87 -28.47 -19.03
CA ARG A 507 -10.04 -29.38 -17.88
C ARG A 507 -8.91 -29.23 -16.88
N ILE A 508 -9.25 -29.14 -15.59
CA ILE A 508 -8.25 -29.08 -14.57
C ILE A 508 -8.77 -29.99 -13.46
N SER A 509 -7.92 -30.91 -13.01
CA SER A 509 -8.23 -31.87 -11.96
C SER A 509 -7.23 -31.79 -10.81
N LEU A 510 -7.77 -31.79 -9.59
CA LEU A 510 -7.07 -31.62 -8.33
C LEU A 510 -7.09 -32.96 -7.61
N ASP A 511 -5.94 -33.31 -7.06
CA ASP A 511 -5.76 -34.39 -6.08
C ASP A 511 -5.93 -33.72 -4.72
N LEU A 512 -6.76 -34.27 -3.86
CA LEU A 512 -7.13 -33.57 -2.64
C LEU A 512 -6.17 -33.97 -1.52
N GLY A 513 -5.28 -34.91 -1.85
CA GLY A 513 -4.24 -35.42 -0.96
C GLY A 513 -4.70 -36.55 -0.06
N GLY A 514 -5.97 -36.90 -0.15
CA GLY A 514 -6.52 -37.98 0.64
C GLY A 514 -7.99 -38.02 0.35
N THR A 515 -8.71 -38.91 0.98
CA THR A 515 -10.13 -39.03 0.69
C THR A 515 -10.91 -38.10 1.61
N HIS A 516 -11.84 -37.37 1.05
CA HIS A 516 -12.62 -36.43 1.82
C HIS A 516 -14.09 -36.51 1.40
N THR A 517 -14.99 -36.35 2.36
CA THR A 517 -16.40 -36.06 2.02
C THR A 517 -16.46 -34.62 1.49
N ILE A 518 -16.87 -34.48 0.23
CA ILE A 518 -16.92 -33.20 -0.43
C ILE A 518 -18.30 -32.97 -1.00
N SER A 519 -18.68 -31.70 -1.15
CA SER A 519 -20.00 -31.35 -1.64
C SER A 519 -20.07 -30.09 -2.49
N GLY A 520 -18.92 -29.55 -2.88
CA GLY A 520 -18.91 -28.39 -3.76
C GLY A 520 -17.54 -27.99 -4.29
N LEU A 521 -17.57 -27.08 -5.21
CA LEU A 521 -16.35 -26.50 -5.73
C LEU A 521 -16.62 -25.01 -5.88
N GLN A 522 -15.62 -24.19 -5.64
CA GLN A 522 -15.79 -22.77 -5.80
C GLN A 522 -14.76 -22.28 -6.81
N TYR A 523 -15.25 -21.55 -7.80
CA TYR A 523 -14.46 -21.06 -8.91
C TYR A 523 -14.29 -19.56 -8.80
N THR A 524 -13.06 -19.12 -8.94
CA THR A 524 -12.81 -17.70 -9.06
C THR A 524 -12.10 -17.40 -10.35
N ARG A 525 -12.78 -16.66 -11.20
CA ARG A 525 -12.23 -16.20 -12.45
C ARG A 525 -10.90 -15.39 -12.32
N ARG A 526 -10.19 -15.34 -13.43
CA ARG A 526 -9.13 -14.38 -13.59
C ARG A 526 -9.64 -12.97 -13.28
N GLN A 527 -8.92 -12.25 -12.43
CA GLN A 527 -9.37 -10.94 -11.96
C GLN A 527 -9.07 -9.75 -12.92
N ASN A 528 -8.05 -9.88 -13.78
CA ASN A 528 -7.54 -8.72 -14.57
C ASN A 528 -7.69 -8.85 -16.11
N SER A 529 -8.46 -9.84 -16.54
CA SER A 529 -8.81 -9.96 -17.97
C SER A 529 -10.18 -10.62 -18.06
N ALA A 530 -10.92 -10.29 -19.12
CA ALA A 530 -12.32 -10.69 -19.26
C ALA A 530 -12.53 -11.92 -20.16
N ASN A 531 -11.60 -12.23 -21.04
CA ASN A 531 -11.90 -13.10 -22.16
C ASN A 531 -11.33 -14.50 -22.03
N GLU A 532 -11.04 -14.94 -20.82
CA GLU A 532 -10.73 -16.35 -20.62
C GLU A 532 -11.60 -16.92 -19.49
N GLN A 533 -12.84 -16.42 -19.44
CA GLN A 533 -13.73 -16.71 -18.32
C GLN A 533 -14.55 -17.94 -18.60
N VAL A 534 -14.58 -18.87 -17.65
CA VAL A 534 -15.31 -20.09 -17.78
C VAL A 534 -16.75 -19.74 -17.72
N ALA A 535 -17.54 -20.46 -18.49
CA ALA A 535 -18.95 -20.22 -18.62
C ALA A 535 -19.65 -21.56 -18.31
N ASP A 536 -19.98 -22.34 -19.32
CA ASP A 536 -20.57 -23.67 -19.07
C ASP A 536 -19.51 -24.59 -18.53
N TYR A 537 -19.89 -25.37 -17.54
CA TYR A 537 -18.98 -26.23 -16.81
C TYR A 537 -19.62 -27.54 -16.39
N GLU A 538 -18.80 -28.56 -16.16
CA GLU A 538 -19.24 -29.82 -15.49
C GLU A 538 -18.24 -30.12 -14.39
N ILE A 539 -18.67 -30.79 -13.34
CA ILE A 539 -17.74 -31.23 -12.30
C ILE A 539 -17.81 -32.74 -12.19
N TYR A 540 -16.65 -33.35 -12.02
CA TYR A 540 -16.53 -34.79 -11.87
C TYR A 540 -15.71 -34.99 -10.61
N THR A 541 -15.84 -36.17 -10.02
CA THR A 541 -15.01 -36.55 -8.91
C THR A 541 -14.57 -37.94 -9.13
N SER A 542 -13.61 -38.38 -8.32
CA SER A 542 -13.05 -39.72 -8.45
C SER A 542 -12.34 -40.18 -7.19
N LEU A 543 -12.32 -41.49 -7.03
CA LEU A 543 -11.59 -42.11 -5.95
C LEU A 543 -10.14 -42.53 -6.33
N ASN A 544 -9.87 -42.77 -7.62
CA ASN A 544 -8.53 -43.23 -8.09
C ASN A 544 -7.74 -42.33 -9.06
N GLY A 545 -8.36 -41.28 -9.61
CA GLY A 545 -7.71 -40.40 -10.59
C GLY A 545 -7.91 -40.73 -12.08
N THR A 546 -8.54 -41.86 -12.37
CA THR A 546 -8.69 -42.38 -13.75
C THR A 546 -10.15 -42.75 -14.16
N THR A 547 -10.98 -43.09 -13.17
CA THR A 547 -12.39 -43.38 -13.38
C THR A 547 -13.20 -42.29 -12.71
N TRP A 548 -13.74 -41.46 -13.55
CA TRP A 548 -14.37 -40.23 -13.15
C TRP A 548 -15.85 -40.46 -13.07
N ASP A 549 -16.46 -39.81 -12.11
CA ASP A 549 -17.85 -39.96 -11.77
C ASP A 549 -18.48 -38.64 -12.11
N GLY A 550 -19.60 -38.70 -12.85
CA GLY A 550 -20.38 -37.52 -13.14
C GLY A 550 -20.87 -37.35 -14.59
N PRO A 551 -21.25 -36.14 -14.96
CA PRO A 551 -21.08 -34.94 -14.13
C PRO A 551 -21.91 -34.90 -12.85
N VAL A 552 -21.27 -34.61 -11.72
CA VAL A 552 -21.99 -34.53 -10.42
C VAL A 552 -22.70 -33.17 -10.27
N ALA A 553 -22.21 -32.21 -11.02
CA ALA A 553 -22.80 -30.88 -11.11
C ALA A 553 -22.41 -30.29 -12.43
N SER A 554 -23.28 -29.42 -12.90
CA SER A 554 -23.10 -28.77 -14.18
C SER A 554 -23.89 -27.47 -14.09
N GLY A 555 -23.50 -26.50 -14.90
CA GLY A 555 -24.09 -25.19 -14.85
C GLY A 555 -23.40 -24.26 -15.80
N ARG A 556 -23.60 -22.98 -15.56
CA ARG A 556 -22.92 -21.92 -16.32
C ARG A 556 -22.57 -20.82 -15.35
N PHE A 557 -21.25 -20.60 -15.17
CA PHE A 557 -20.79 -19.53 -14.28
C PHE A 557 -21.09 -18.19 -14.91
N THR A 558 -21.12 -17.18 -14.04
CA THR A 558 -21.29 -15.79 -14.47
C THR A 558 -19.93 -15.09 -14.50
N THR A 559 -19.97 -13.79 -14.81
CA THR A 559 -18.75 -12.99 -14.88
C THR A 559 -18.39 -12.44 -13.50
N SER A 560 -19.09 -12.83 -12.44
CA SER A 560 -18.75 -12.31 -11.12
C SER A 560 -17.28 -12.60 -10.78
N LEU A 561 -16.70 -11.63 -10.10
CA LEU A 561 -15.30 -11.65 -9.67
C LEU A 561 -15.17 -12.44 -8.36
N ALA A 562 -16.29 -12.63 -7.67
CA ALA A 562 -16.27 -13.33 -6.38
C ALA A 562 -16.29 -14.82 -6.66
N PRO A 563 -15.94 -15.61 -5.65
CA PRO A 563 -16.13 -17.07 -5.74
C PRO A 563 -17.54 -17.44 -6.18
N GLN A 564 -17.62 -18.45 -7.03
CA GLN A 564 -18.90 -18.97 -7.47
C GLN A 564 -18.97 -20.43 -7.09
N ARG A 565 -20.06 -20.85 -6.48
CA ARG A 565 -20.19 -22.19 -5.97
C ARG A 565 -20.91 -23.12 -6.97
N ALA A 566 -20.44 -24.37 -7.03
CA ALA A 566 -21.07 -25.47 -7.74
C ALA A 566 -21.17 -26.62 -6.74
N VAL A 567 -22.38 -26.95 -6.30
CA VAL A 567 -22.60 -27.89 -5.20
C VAL A 567 -23.17 -29.21 -5.72
N PHE A 568 -22.99 -30.28 -4.96
CA PHE A 568 -23.52 -31.59 -5.34
C PHE A 568 -23.70 -32.38 -4.08
N PRO A 569 -24.49 -33.42 -4.13
CA PRO A 569 -24.68 -34.18 -2.90
C PRO A 569 -23.32 -34.74 -2.35
N ALA A 570 -23.16 -34.73 -1.03
CA ALA A 570 -21.96 -35.17 -0.39
C ALA A 570 -21.55 -36.53 -0.90
N ARG A 571 -20.26 -36.69 -1.07
CA ARG A 571 -19.71 -37.90 -1.66
C ARG A 571 -18.23 -37.96 -1.34
N ASP A 572 -17.69 -39.17 -1.24
CA ASP A 572 -16.30 -39.37 -0.90
C ASP A 572 -15.47 -39.39 -2.16
N ALA A 573 -14.42 -38.58 -2.18
CA ALA A 573 -13.54 -38.48 -3.33
C ALA A 573 -12.15 -38.05 -2.88
N ARG A 574 -11.15 -38.53 -3.60
CA ARG A 574 -9.79 -38.07 -3.54
C ARG A 574 -9.46 -37.07 -4.67
N TYR A 575 -10.19 -37.06 -5.77
CA TYR A 575 -9.96 -36.06 -6.81
C TYR A 575 -11.28 -35.38 -7.18
N ILE A 576 -11.17 -34.14 -7.64
CA ILE A 576 -12.27 -33.42 -8.25
C ILE A 576 -11.74 -32.79 -9.51
N ARG A 577 -12.58 -32.79 -10.54
CA ARG A 577 -12.27 -32.24 -11.85
C ARG A 577 -13.31 -31.22 -12.31
N LEU A 578 -12.84 -30.11 -12.82
CA LEU A 578 -13.62 -29.07 -13.47
C LEU A 578 -13.36 -29.21 -14.97
N VAL A 579 -14.40 -29.49 -15.72
CA VAL A 579 -14.39 -29.34 -17.15
C VAL A 579 -15.06 -28.04 -17.51
N ALA A 580 -14.28 -27.16 -18.14
CA ALA A 580 -14.75 -25.88 -18.62
C ALA A 580 -15.13 -26.12 -20.07
N LEU A 581 -16.44 -26.08 -20.34
CA LEU A 581 -16.99 -26.38 -21.67
C LEU A 581 -16.98 -25.23 -22.66
N SER A 582 -17.10 -24.02 -22.15
CA SER A 582 -17.17 -22.84 -22.97
C SER A 582 -16.60 -21.64 -22.14
N GLU A 583 -16.19 -20.62 -22.91
CA GLU A 583 -15.81 -19.32 -22.40
C GLU A 583 -17.01 -18.39 -22.49
N GLN A 584 -17.04 -17.34 -21.68
CA GLN A 584 -18.19 -16.45 -21.59
C GLN A 584 -18.71 -15.94 -22.93
N THR A 585 -17.79 -15.60 -23.84
CA THR A 585 -18.18 -15.14 -25.19
C THR A 585 -17.44 -15.93 -26.27
N GLY A 586 -17.12 -17.18 -26.01
CA GLY A 586 -16.62 -18.10 -27.00
C GLY A 586 -15.16 -17.93 -27.40
N HIS A 587 -14.35 -17.28 -26.55
CA HIS A 587 -12.92 -17.23 -26.78
C HIS A 587 -12.27 -18.55 -26.56
N LYS A 588 -11.02 -18.62 -27.00
CA LYS A 588 -10.30 -19.88 -27.08
C LYS A 588 -9.76 -20.37 -25.73
N TYR A 589 -9.54 -19.49 -24.77
CA TYR A 589 -8.74 -19.88 -23.62
C TYR A 589 -9.54 -19.86 -22.35
N ALA A 590 -9.11 -20.66 -21.36
CA ALA A 590 -9.56 -20.56 -19.97
C ALA A 590 -8.53 -20.08 -18.99
N ALA A 591 -8.96 -19.26 -18.07
CA ALA A 591 -8.10 -18.85 -16.97
C ALA A 591 -8.89 -18.88 -15.68
N VAL A 592 -8.26 -19.34 -14.60
CA VAL A 592 -8.91 -19.51 -13.31
C VAL A 592 -7.93 -19.06 -12.25
N ALA A 593 -8.35 -18.17 -11.37
CA ALA A 593 -7.41 -17.66 -10.33
C ALA A 593 -7.44 -18.57 -9.12
N GLU A 594 -8.61 -19.17 -8.82
CA GLU A 594 -8.67 -20.02 -7.65
C GLU A 594 -9.78 -21.05 -7.75
N LEU A 595 -9.49 -22.24 -7.21
CA LEU A 595 -10.46 -23.28 -6.97
C LEU A 595 -10.36 -23.70 -5.51
N GLU A 596 -11.52 -23.78 -4.86
CA GLU A 596 -11.62 -24.25 -3.50
C GLU A 596 -12.57 -25.38 -3.54
N VAL A 597 -12.37 -26.33 -2.65
CA VAL A 597 -13.23 -27.51 -2.57
C VAL A 597 -13.99 -27.49 -1.25
N GLU A 598 -15.29 -27.65 -1.36
CA GLU A 598 -16.14 -27.67 -0.19
C GLU A 598 -16.22 -29.11 0.29
N GLY A 599 -15.82 -29.30 1.52
CA GLY A 599 -15.67 -30.64 2.08
C GLY A 599 -15.14 -30.58 3.50
N GLN A 600 -15.05 -31.74 4.14
CA GLN A 600 -14.54 -31.85 5.51
C GLN A 600 -13.07 -32.29 5.55
N ARG A 601 -12.26 -31.57 6.29
CA ARG A 601 -10.84 -31.88 6.46
C ARG A 601 -10.50 -33.11 7.37
C1 GAL B . -3.39 -11.00 -23.52
C2 GAL B . -3.30 -11.41 -22.04
C3 GAL B . -2.70 -12.80 -21.87
C4 GAL B . -3.26 -13.82 -22.87
C5 GAL B . -3.23 -13.22 -24.25
C6 GAL B . -3.74 -14.23 -25.27
O1 GAL B . -4.11 -9.78 -23.70
O2 GAL B . -2.50 -10.51 -21.33
O3 GAL B . -2.97 -13.32 -20.57
O4 GAL B . -4.56 -14.24 -22.49
O5 GAL B . -4.05 -12.06 -24.22
O6 GAL B . -3.72 -13.67 -26.57
C1 DAN C . -0.69 9.92 -9.69
C2 DAN C . 0.51 10.65 -10.16
C3 DAN C . 0.68 11.92 -9.80
C4 DAN C . 1.98 12.68 -10.04
C5 DAN C . 2.78 11.93 -11.09
C6 DAN C . 2.80 10.42 -10.67
C7 DAN C . 3.70 9.57 -11.57
C8 DAN C . 3.55 8.09 -11.24
C9 DAN C . 4.63 7.26 -11.92
C10 DAN C . 4.60 13.01 -12.31
C11 DAN C . 6.03 13.46 -12.21
N5 DAN C . 4.13 12.49 -11.07
O1A DAN C . -0.68 8.68 -9.82
O1B DAN C . -1.64 10.52 -9.19
O4 DAN C . 1.77 14.05 -10.41
O6 DAN C . 1.47 9.93 -10.80
O7 DAN C . 3.35 9.82 -12.93
O8 DAN C . 3.68 7.96 -9.84
O9 DAN C . 4.34 5.88 -11.85
O10 DAN C . 4.34 12.16 -13.36
NA NA D . -4.16 -18.24 -7.64
#